data_6MWZ
#
_entry.id   6MWZ
#
_cell.length_a   44.953
_cell.length_b   72.363
_cell.length_c   51.872
_cell.angle_alpha   90.00
_cell.angle_beta   92.59
_cell.angle_gamma   90.00
#
_symmetry.space_group_name_H-M   'P 1 21 1'
#
loop_
_entity.id
_entity.type
_entity.pdbx_description
1 polymer 'Transcriptional regulator LasR'
2 polymer ALA-HIS-HIS-HIS-HIS-ALA
3 non-polymer 4-[3-(methylsulfonyl)phenoxy]-N-[(1S,3S,5S)-2-oxobicyclo[3.1.0]hexan-3-yl]butanamide
4 water water
#
loop_
_entity_poly.entity_id
_entity_poly.type
_entity_poly.pdbx_seq_one_letter_code
_entity_poly.pdbx_strand_id
1 'polypeptide(L)'
;MALVDGFLELERSSGKLEWSAILQKMASDLGFSKILFGLLPKDSQDYENAFIVGNYPAAWREHYDRAGYARVDPVVSHCT
QSVLPIFWEPSIFQTRKQHEFFEEASAAGLVYGLTMPLHGARGELGWLSLSVEAENRAEANRFMESVLPTLWMLKDYALQ
SGAGLAFEHPVSKPVVLTSREKEVLQWCAIGKTSWEISVICNCSEANVNFHMGNIRRKFGVTSRRVAAIMAVNLGLITL
;
A,B
2 'polypeptide(L)' AHHHHA M
#
# COMPACT_ATOMS: atom_id res chain seq x y z
N GLY A 6 -12.33 -13.84 -5.83
CA GLY A 6 -10.93 -13.47 -5.91
C GLY A 6 -10.79 -11.95 -5.68
N PHE A 7 -9.56 -11.42 -5.63
CA PHE A 7 -9.45 -10.00 -5.51
C PHE A 7 -10.01 -9.51 -6.79
N LEU A 8 -10.16 -10.43 -7.72
CA LEU A 8 -10.66 -10.10 -9.01
C LEU A 8 -12.07 -9.61 -9.03
N GLU A 9 -12.99 -10.20 -8.29
CA GLU A 9 -14.33 -9.65 -8.50
C GLU A 9 -14.48 -8.25 -7.94
N LEU A 10 -13.60 -7.82 -7.04
CA LEU A 10 -13.59 -6.42 -6.63
C LEU A 10 -13.40 -5.51 -7.84
N GLU A 11 -12.31 -5.73 -8.58
CA GLU A 11 -12.04 -4.93 -9.76
C GLU A 11 -13.16 -5.04 -10.79
N ARG A 12 -13.79 -6.19 -10.87
CA ARG A 12 -14.80 -6.40 -11.89
C ARG A 12 -16.16 -5.83 -11.60
N SER A 13 -16.42 -5.56 -10.34
CA SER A 13 -17.69 -5.03 -9.94
C SER A 13 -17.98 -3.78 -10.69
N SER A 14 -19.20 -3.66 -11.10
CA SER A 14 -19.58 -2.54 -11.90
C SER A 14 -20.50 -1.55 -11.26
N GLY A 15 -20.63 -1.55 -9.93
CA GLY A 15 -21.48 -0.64 -9.19
C GLY A 15 -21.05 -0.52 -7.74
N LYS A 16 -21.21 0.66 -7.14
CA LYS A 16 -20.87 0.83 -5.72
C LYS A 16 -21.59 -0.16 -4.82
N LEU A 17 -22.87 -0.45 -5.10
CA LEU A 17 -23.60 -1.34 -4.22
C LEU A 17 -23.06 -2.75 -4.31
N GLU A 18 -22.86 -3.25 -5.54
CA GLU A 18 -22.26 -4.58 -5.70
C GLU A 18 -20.87 -4.60 -5.09
N TRP A 19 -20.07 -3.57 -5.39
CA TRP A 19 -18.70 -3.48 -4.87
C TRP A 19 -18.69 -3.53 -3.36
N SER A 20 -19.53 -2.70 -2.74
CA SER A 20 -19.65 -2.69 -1.29
C SER A 20 -19.98 -4.08 -0.76
N ALA A 21 -20.96 -4.74 -1.38
CA ALA A 21 -21.35 -6.06 -0.92
C ALA A 21 -20.17 -7.04 -1.02
N ILE A 22 -19.41 -6.97 -2.12
CA ILE A 22 -18.26 -7.85 -2.30
C ILE A 22 -17.23 -7.60 -1.22
N LEU A 23 -16.88 -6.33 -1.00
CA LEU A 23 -15.86 -6.02 -0.01
C LEU A 23 -16.32 -6.42 1.39
N GLN A 24 -17.60 -6.20 1.71
CA GLN A 24 -18.13 -6.61 2.99
C GLN A 24 -17.98 -8.11 3.20
N LYS A 25 -18.35 -8.89 2.18
CA LYS A 25 -18.27 -10.34 2.30
C LYS A 25 -16.83 -10.81 2.47
N MET A 26 -15.90 -10.17 1.75
CA MET A 26 -14.49 -10.52 1.87
C MET A 26 -14.00 -10.32 3.30
N ALA A 27 -14.28 -9.16 3.88
CA ALA A 27 -13.82 -8.90 5.25
C ALA A 27 -14.46 -9.87 6.22
N SER A 28 -15.78 -10.09 6.08
CA SER A 28 -16.47 -11.08 6.89
C SER A 28 -15.83 -12.45 6.74
N ASP A 29 -15.57 -12.86 5.51
CA ASP A 29 -14.97 -14.15 5.27
C ASP A 29 -13.61 -14.27 5.93
N LEU A 30 -12.85 -13.18 5.95
CA LEU A 30 -11.54 -13.18 6.60
C LEU A 30 -11.62 -13.31 8.12
N GLY A 31 -12.79 -13.06 8.70
CA GLY A 31 -12.96 -13.11 10.14
C GLY A 31 -13.20 -11.77 10.80
N PHE A 32 -13.27 -10.69 10.04
CA PHE A 32 -13.53 -9.43 10.69
C PHE A 32 -15.03 -9.22 10.89
N SER A 33 -15.33 -8.35 11.84
CA SER A 33 -16.71 -8.11 12.25
C SER A 33 -17.28 -6.89 11.54
N LYS A 34 -16.82 -5.70 11.90
CA LYS A 34 -17.34 -4.47 11.35
C LYS A 34 -16.24 -3.80 10.53
N ILE A 35 -16.60 -3.19 9.41
CA ILE A 35 -15.60 -2.49 8.62
C ILE A 35 -16.11 -1.13 8.20
N LEU A 36 -15.14 -0.24 7.95
CA LEU A 36 -15.43 1.04 7.34
C LEU A 36 -14.35 1.28 6.29
N PHE A 37 -14.77 1.41 5.04
CA PHE A 37 -13.90 1.82 3.96
C PHE A 37 -14.30 3.23 3.62
N GLY A 38 -13.34 4.14 3.64
CA GLY A 38 -13.60 5.54 3.39
C GLY A 38 -12.56 6.12 2.46
N LEU A 39 -13.02 6.95 1.52
CA LEU A 39 -12.09 7.52 0.56
C LEU A 39 -12.53 8.93 0.20
N LEU A 40 -11.57 9.84 0.22
CA LEU A 40 -11.68 11.23 -0.21
C LEU A 40 -10.72 11.52 -1.36
N PRO A 41 -11.05 12.46 -2.22
CA PRO A 41 -10.10 12.89 -3.26
C PRO A 41 -9.01 13.78 -2.70
N LYS A 42 -8.06 14.10 -3.57
CA LYS A 42 -6.84 14.80 -3.16
C LYS A 42 -7.16 16.09 -2.42
N ASP A 43 -6.39 16.35 -1.36
CA ASP A 43 -6.43 17.62 -0.63
C ASP A 43 -7.84 17.98 -0.15
N SER A 44 -8.49 17.03 0.51
CA SER A 44 -9.87 17.21 0.95
C SER A 44 -10.01 16.82 2.41
N GLN A 45 -10.87 17.56 3.08
CA GLN A 45 -11.24 17.25 4.44
C GLN A 45 -12.75 17.26 4.51
N ASP A 46 -13.42 17.01 3.40
CA ASP A 46 -14.84 17.05 3.30
C ASP A 46 -15.39 15.68 3.71
N TYR A 47 -15.14 15.29 4.95
CA TYR A 47 -15.47 14.04 5.52
C TYR A 47 -16.92 13.71 5.39
N GLU A 48 -17.72 14.78 5.38
CA GLU A 48 -19.17 14.58 5.31
C GLU A 48 -19.62 13.98 3.98
N ASN A 49 -18.77 14.03 2.95
CA ASN A 49 -19.11 13.53 1.63
C ASN A 49 -18.13 12.47 1.15
N ALA A 50 -17.34 11.89 2.06
CA ALA A 50 -16.44 10.82 1.68
C ALA A 50 -17.24 9.64 1.15
N PHE A 51 -16.62 8.89 0.24
CA PHE A 51 -17.16 7.62 -0.22
C PHE A 51 -17.02 6.62 0.91
N ILE A 52 -18.14 6.18 1.47
CA ILE A 52 -18.16 5.38 2.68
C ILE A 52 -18.87 4.06 2.39
N VAL A 53 -18.27 2.95 2.76
CA VAL A 53 -18.91 1.65 2.64
C VAL A 53 -18.65 0.87 3.91
N GLY A 54 -19.56 -0.04 4.24
CA GLY A 54 -19.32 -0.91 5.37
C GLY A 54 -20.51 -0.96 6.29
N ASN A 55 -20.31 -1.63 7.43
CA ASN A 55 -21.38 -1.85 8.40
C ASN A 55 -21.05 -1.26 9.78
N TYR A 56 -20.15 -0.27 9.86
CA TYR A 56 -19.98 0.43 11.13
C TYR A 56 -21.34 0.89 11.63
N PRO A 57 -21.60 0.82 12.94
CA PRO A 57 -22.90 1.26 13.46
C PRO A 57 -23.24 2.69 13.03
N ALA A 58 -24.47 2.88 12.54
CA ALA A 58 -24.88 4.21 12.10
C ALA A 58 -24.81 5.21 13.24
N ALA A 59 -25.16 4.78 14.45
CA ALA A 59 -25.11 5.70 15.59
C ALA A 59 -23.69 6.18 15.86
N TRP A 60 -22.71 5.27 15.74
CA TRP A 60 -21.31 5.67 15.88
C TRP A 60 -20.89 6.64 14.79
N ARG A 61 -21.26 6.34 13.53
CA ARG A 61 -20.85 7.23 12.45
C ARG A 61 -21.43 8.63 12.64
N GLU A 62 -22.68 8.71 13.10
CA GLU A 62 -23.29 10.02 13.30
C GLU A 62 -22.66 10.73 14.49
N HIS A 63 -22.44 10.00 15.57
CA HIS A 63 -21.76 10.53 16.75
C HIS A 63 -20.36 11.05 16.39
N TYR A 64 -19.63 10.28 15.61
CA TYR A 64 -18.27 10.65 15.21
C TYR A 64 -18.26 11.97 14.46
N ASP A 65 -19.21 12.17 13.55
CA ASP A 65 -19.28 13.40 12.77
C ASP A 65 -19.71 14.57 13.64
N ARG A 66 -20.68 14.37 14.52
CA ARG A 66 -21.18 15.41 15.39
C ARG A 66 -20.14 15.87 16.41
N ALA A 67 -19.40 14.93 16.97
CA ALA A 67 -18.41 15.26 17.98
C ALA A 67 -17.09 15.75 17.41
N GLY A 68 -16.99 15.84 16.09
CA GLY A 68 -15.78 16.23 15.40
C GLY A 68 -14.59 15.33 15.65
N TYR A 69 -14.85 14.04 15.82
CA TYR A 69 -13.80 13.10 16.12
C TYR A 69 -12.69 12.95 15.08
N ALA A 70 -12.94 13.31 13.85
CA ALA A 70 -11.86 13.24 12.87
C ALA A 70 -10.64 14.02 13.35
N ARG A 71 -10.84 14.99 14.21
CA ARG A 71 -9.75 15.78 14.72
C ARG A 71 -9.17 15.24 16.01
N VAL A 72 -9.77 14.20 16.56
CA VAL A 72 -9.36 13.60 17.82
C VAL A 72 -8.75 12.23 17.61
N ASP A 73 -9.36 11.45 16.75
CA ASP A 73 -9.05 10.05 16.57
C ASP A 73 -7.59 9.89 16.15
N PRO A 74 -6.74 9.23 16.94
CA PRO A 74 -5.33 9.07 16.53
C PRO A 74 -5.17 8.24 15.27
N VAL A 75 -6.18 7.44 14.89
CA VAL A 75 -6.08 6.69 13.65
C VAL A 75 -6.06 7.64 12.44
N VAL A 76 -6.87 8.70 12.50
CA VAL A 76 -6.96 9.60 11.36
C VAL A 76 -5.66 10.38 11.19
N SER A 77 -5.11 10.90 12.28
CA SER A 77 -3.83 11.61 12.14
C SER A 77 -2.72 10.67 11.73
N HIS A 78 -2.74 9.42 12.21
CA HIS A 78 -1.74 8.45 11.74
C HIS A 78 -1.83 8.26 10.24
N CYS A 79 -3.05 8.15 9.70
CA CYS A 79 -3.22 7.88 8.28
C CYS A 79 -2.74 9.05 7.41
N THR A 80 -2.75 10.28 7.95
CA THR A 80 -2.20 11.38 7.15
C THR A 80 -0.68 11.34 7.09
N GLN A 81 -0.03 10.59 7.98
CA GLN A 81 1.43 10.55 8.06
C GLN A 81 2.06 9.28 7.53
N SER A 82 1.28 8.21 7.34
CA SER A 82 1.89 6.88 7.17
C SER A 82 1.10 6.02 6.19
N VAL A 83 1.81 5.07 5.56
CA VAL A 83 1.16 4.00 4.78
C VAL A 83 1.05 2.69 5.58
N LEU A 84 1.54 2.65 6.81
CA LEU A 84 1.62 1.40 7.57
C LEU A 84 0.40 1.25 8.49
N PRO A 85 0.06 0.03 8.87
CA PRO A 85 -1.15 -0.17 9.67
C PRO A 85 -1.00 0.34 11.08
N ILE A 86 -2.13 0.73 11.67
CA ILE A 86 -2.20 1.11 13.08
C ILE A 86 -3.26 0.23 13.75
N PHE A 87 -2.82 -0.56 14.73
CA PHE A 87 -3.74 -1.36 15.55
C PHE A 87 -4.37 -0.47 16.61
N TRP A 88 -5.61 -0.79 16.99
CA TRP A 88 -6.33 0.02 18.00
C TRP A 88 -5.89 -0.33 19.42
N GLU A 89 -4.61 -0.16 19.67
CA GLU A 89 -4.00 -0.42 20.97
C GLU A 89 -4.41 0.67 21.96
N PRO A 90 -4.74 0.31 23.21
CA PRO A 90 -5.00 1.37 24.20
C PRO A 90 -3.93 2.44 24.22
N SER A 91 -2.66 2.07 23.99
CA SER A 91 -1.58 3.04 24.05
C SER A 91 -1.63 4.12 22.99
N ILE A 92 -2.47 4.01 21.94
CA ILE A 92 -2.57 5.12 20.98
C ILE A 92 -3.58 6.18 21.40
N PHE A 93 -4.41 5.90 22.40
CA PHE A 93 -5.41 6.84 22.88
C PHE A 93 -4.84 7.48 24.15
N GLN A 94 -4.08 8.58 23.95
CA GLN A 94 -3.20 9.12 24.98
C GLN A 94 -3.79 10.31 25.72
N THR A 95 -4.32 11.30 25.00
CA THR A 95 -4.89 12.47 25.67
C THR A 95 -6.21 12.11 26.32
N ARG A 96 -6.68 12.98 27.20
CA ARG A 96 -7.98 12.70 27.81
C ARG A 96 -9.07 12.59 26.75
N LYS A 97 -9.05 13.47 25.74
CA LYS A 97 -10.09 13.43 24.72
C LYS A 97 -10.02 12.13 23.92
N GLN A 98 -8.79 11.67 23.61
CA GLN A 98 -8.63 10.39 22.91
C GLN A 98 -9.07 9.23 23.79
N HIS A 99 -8.78 9.29 25.09
CA HIS A 99 -9.25 8.23 25.99
C HIS A 99 -10.78 8.16 26.00
N GLU A 100 -11.45 9.30 26.13
CA GLU A 100 -12.92 9.34 26.09
C GLU A 100 -13.45 8.85 24.75
N PHE A 101 -12.82 9.27 23.66
CA PHE A 101 -13.21 8.81 22.34
C PHE A 101 -13.23 7.28 22.28
N PHE A 102 -12.20 6.62 22.83
CA PHE A 102 -12.15 5.18 22.72
C PHE A 102 -13.17 4.54 23.64
N GLU A 103 -13.52 5.22 24.72
CA GLU A 103 -14.56 4.68 25.59
C GLU A 103 -15.88 4.68 24.86
N GLU A 104 -16.12 5.72 24.10
CA GLU A 104 -17.32 5.83 23.33
C GLU A 104 -17.33 4.78 22.23
N ALA A 105 -16.20 4.59 21.59
CA ALA A 105 -16.07 3.61 20.57
C ALA A 105 -16.45 2.25 21.10
N SER A 106 -16.04 1.93 22.31
CA SER A 106 -16.34 0.62 22.86
C SER A 106 -17.82 0.45 23.16
N ALA A 107 -18.51 1.54 23.54
CA ALA A 107 -19.97 1.47 23.70
C ALA A 107 -20.64 1.10 22.39
N ALA A 108 -20.05 1.50 21.27
CA ALA A 108 -20.55 1.12 19.95
C ALA A 108 -20.02 -0.23 19.48
N GLY A 109 -19.24 -0.92 20.30
CA GLY A 109 -18.73 -2.23 19.96
C GLY A 109 -17.41 -2.27 19.24
N LEU A 110 -16.73 -1.15 19.08
CA LEU A 110 -15.45 -1.09 18.36
C LEU A 110 -14.32 -1.11 19.38
N VAL A 111 -13.90 -2.30 19.78
CA VAL A 111 -12.94 -2.48 20.85
C VAL A 111 -11.59 -2.98 20.33
N TYR A 112 -11.60 -3.98 19.44
CA TYR A 112 -10.40 -4.54 18.85
C TYR A 112 -10.43 -4.36 17.34
N GLY A 113 -9.30 -3.98 16.76
CA GLY A 113 -9.26 -3.76 15.33
C GLY A 113 -7.99 -3.07 14.87
N LEU A 114 -7.98 -2.77 13.58
CA LEU A 114 -6.86 -2.05 13.02
C LEU A 114 -7.35 -1.24 11.83
N THR A 115 -6.53 -0.27 11.41
CA THR A 115 -6.84 0.53 10.24
C THR A 115 -5.65 0.50 9.27
N MET A 116 -5.93 0.26 7.99
CA MET A 116 -4.92 0.39 6.95
C MET A 116 -5.07 1.75 6.28
N PRO A 117 -4.06 2.62 6.33
CA PRO A 117 -4.16 3.89 5.61
C PRO A 117 -4.27 3.62 4.12
N LEU A 118 -5.04 4.46 3.42
CA LEU A 118 -5.15 4.40 1.97
C LEU A 118 -4.58 5.67 1.37
N HIS A 119 -3.62 5.52 0.43
CA HIS A 119 -3.04 6.65 -0.29
C HIS A 119 -2.99 6.29 -1.76
N GLY A 120 -3.87 6.93 -2.56
CA GLY A 120 -4.06 6.55 -3.95
C GLY A 120 -3.14 7.27 -4.92
N ALA A 121 -3.12 6.73 -6.16
CA ALA A 121 -2.20 7.22 -7.20
C ALA A 121 -2.50 8.66 -7.59
N ARG A 122 -3.75 9.09 -7.50
CA ARG A 122 -4.10 10.47 -7.79
C ARG A 122 -4.29 11.31 -6.51
N GLY A 123 -3.68 10.89 -5.40
CA GLY A 123 -3.74 11.65 -4.17
C GLY A 123 -4.92 11.35 -3.28
N GLU A 124 -5.77 10.39 -3.64
CA GLU A 124 -6.88 10.00 -2.79
C GLU A 124 -6.36 9.64 -1.41
N LEU A 125 -7.17 9.92 -0.40
CA LEU A 125 -6.77 9.66 0.98
C LEU A 125 -7.93 8.96 1.66
N GLY A 126 -7.65 7.87 2.36
CA GLY A 126 -8.71 7.17 3.04
C GLY A 126 -8.20 6.17 4.03
N TRP A 127 -9.08 5.22 4.37
CA TRP A 127 -8.77 4.24 5.39
C TRP A 127 -9.61 3.02 5.15
N LEU A 128 -9.06 1.87 5.54
CA LEU A 128 -9.85 0.66 5.64
C LEU A 128 -9.70 0.19 7.07
N SER A 129 -10.76 0.39 7.87
CA SER A 129 -10.81 0.00 9.27
C SER A 129 -11.58 -1.29 9.42
N LEU A 130 -11.08 -2.20 10.24
CA LEU A 130 -11.73 -3.48 10.44
C LEU A 130 -11.69 -3.82 11.91
N SER A 131 -12.84 -4.19 12.47
CA SER A 131 -12.94 -4.60 13.86
C SER A 131 -12.95 -6.12 13.96
N VAL A 132 -12.47 -6.60 15.10
CA VAL A 132 -12.42 -8.02 15.42
C VAL A 132 -13.22 -8.26 16.70
N GLU A 133 -13.99 -9.34 16.74
CA GLU A 133 -14.61 -9.75 17.99
C GLU A 133 -13.77 -10.86 18.58
N ALA A 134 -13.35 -10.65 19.83
CA ALA A 134 -12.45 -11.58 20.51
C ALA A 134 -12.78 -11.55 21.99
N GLU A 135 -12.20 -12.50 22.74
CA GLU A 135 -12.38 -12.51 24.19
C GLU A 135 -11.41 -11.56 24.87
N ASN A 136 -10.26 -11.30 24.26
CA ASN A 136 -9.26 -10.42 24.86
C ASN A 136 -8.39 -9.87 23.74
N ARG A 137 -7.60 -8.86 24.07
CA ARG A 137 -6.76 -8.22 23.07
C ARG A 137 -5.66 -9.15 22.56
N ALA A 138 -5.14 -10.04 23.41
CA ALA A 138 -4.14 -10.99 22.94
C ALA A 138 -4.69 -11.87 21.82
N GLU A 139 -5.91 -12.38 22.01
CA GLU A 139 -6.56 -13.19 21.00
C GLU A 139 -6.80 -12.40 19.72
N ALA A 140 -7.32 -11.17 19.86
CA ALA A 140 -7.55 -10.31 18.70
C ALA A 140 -6.27 -10.06 17.92
N ASN A 141 -5.16 -9.77 18.63
CA ASN A 141 -3.92 -9.49 17.92
C ASN A 141 -3.37 -10.73 17.22
N ARG A 142 -3.55 -11.91 17.83
CA ARG A 142 -3.16 -13.14 17.15
C ARG A 142 -3.91 -13.28 15.83
N PHE A 143 -5.24 -13.08 15.86
CA PHE A 143 -5.99 -13.21 14.62
C PHE A 143 -5.51 -12.22 13.58
N MET A 144 -5.41 -10.93 13.94
CA MET A 144 -5.08 -9.91 12.94
C MET A 144 -3.71 -10.18 12.32
N GLU A 145 -2.75 -10.60 13.11
CA GLU A 145 -1.43 -10.88 12.55
C GLU A 145 -1.47 -12.05 11.59
N SER A 146 -2.35 -13.03 11.81
CA SER A 146 -2.42 -14.17 10.90
C SER A 146 -2.96 -13.78 9.53
N VAL A 147 -3.84 -12.79 9.45
CA VAL A 147 -4.46 -12.41 8.18
C VAL A 147 -3.85 -11.15 7.58
N LEU A 148 -2.87 -10.55 8.24
CA LEU A 148 -2.34 -9.26 7.77
C LEU A 148 -1.76 -9.31 6.36
N PRO A 149 -1.02 -10.33 5.94
CA PRO A 149 -0.51 -10.32 4.56
C PRO A 149 -1.63 -10.29 3.53
N THR A 150 -2.72 -11.00 3.78
CA THR A 150 -3.89 -10.96 2.90
C THR A 150 -4.53 -9.58 2.94
N LEU A 151 -4.74 -9.05 4.15
CA LEU A 151 -5.29 -7.71 4.30
C LEU A 151 -4.44 -6.65 3.61
N TRP A 152 -3.11 -6.82 3.63
CA TRP A 152 -2.23 -5.82 3.03
C TRP A 152 -2.46 -5.73 1.53
N MET A 153 -2.72 -6.86 0.89
CA MET A 153 -3.06 -6.82 -0.53
C MET A 153 -4.48 -6.31 -0.74
N LEU A 154 -5.41 -6.76 0.12
CA LEU A 154 -6.80 -6.34 0.00
C LEU A 154 -6.93 -4.83 0.02
N LYS A 155 -6.20 -4.16 0.93
CA LYS A 155 -6.44 -2.73 1.04
C LYS A 155 -6.01 -1.99 -0.22
N ASP A 156 -4.98 -2.48 -0.94
CA ASP A 156 -4.63 -1.77 -2.15
C ASP A 156 -5.56 -2.12 -3.31
N TYR A 157 -6.07 -3.35 -3.39
CA TYR A 157 -7.09 -3.68 -4.38
C TYR A 157 -8.37 -2.90 -4.11
N ALA A 158 -8.74 -2.77 -2.85
CA ALA A 158 -9.93 -1.99 -2.54
C ALA A 158 -9.72 -0.52 -2.88
N LEU A 159 -8.54 0.01 -2.56
CA LEU A 159 -8.21 1.39 -2.88
C LEU A 159 -8.30 1.63 -4.38
N GLN A 160 -7.62 0.79 -5.17
CA GLN A 160 -7.59 1.02 -6.61
C GLN A 160 -8.99 0.94 -7.22
N SER A 161 -9.74 -0.12 -6.91
CA SER A 161 -11.05 -0.33 -7.53
C SER A 161 -12.09 0.61 -6.94
N GLY A 162 -12.02 0.87 -5.64
CA GLY A 162 -12.95 1.79 -5.01
C GLY A 162 -12.80 3.20 -5.54
N ALA A 163 -11.55 3.66 -5.70
CA ALA A 163 -11.32 5.01 -6.23
C ALA A 163 -11.83 5.14 -7.66
N GLY A 164 -11.78 4.05 -8.43
CA GLY A 164 -12.30 4.10 -9.79
C GLY A 164 -13.82 4.23 -9.81
N LEU A 165 -14.51 3.52 -8.92
CA LEU A 165 -15.96 3.62 -8.78
C LEU A 165 -16.39 4.95 -8.15
N ALA A 166 -15.57 5.52 -7.26
CA ALA A 166 -15.97 6.71 -6.52
C ALA A 166 -15.64 8.02 -7.22
N PHE A 167 -14.58 8.05 -8.03
CA PHE A 167 -14.14 9.31 -8.62
C PHE A 167 -13.82 9.15 -10.09
N PHE B 7 11.34 -6.70 8.73
CA PHE B 7 11.14 -5.34 8.23
C PHE B 7 11.68 -4.30 9.21
N LEU B 8 11.81 -4.71 10.48
CA LEU B 8 12.19 -3.77 11.53
C LEU B 8 13.55 -3.14 11.27
N GLU B 9 14.55 -3.96 10.90
CA GLU B 9 15.88 -3.39 10.72
C GLU B 9 15.92 -2.46 9.51
N LEU B 10 15.05 -2.69 8.53
CA LEU B 10 14.86 -1.68 7.50
C LEU B 10 14.38 -0.37 8.12
N GLU B 11 13.32 -0.44 8.91
CA GLU B 11 12.74 0.79 9.47
C GLU B 11 13.69 1.47 10.44
N ARG B 12 14.59 0.71 11.06
CA ARG B 12 15.49 1.22 12.08
C ARG B 12 16.84 1.66 11.54
N SER B 13 17.09 1.50 10.24
CA SER B 13 18.40 1.84 9.70
C SER B 13 18.70 3.32 9.93
N SER B 14 19.98 3.60 10.18
CA SER B 14 20.46 4.94 10.53
C SER B 14 20.68 5.83 9.31
N GLY B 15 21.32 5.33 8.25
CA GLY B 15 21.64 6.14 7.11
C GLY B 15 21.21 5.47 5.82
N LYS B 16 21.25 6.25 4.74
CA LYS B 16 20.83 5.78 3.42
C LYS B 16 21.67 4.59 2.97
N LEU B 17 22.98 4.61 3.24
CA LEU B 17 23.81 3.52 2.73
C LEU B 17 23.48 2.21 3.41
N GLU B 18 23.34 2.24 4.74
CA GLU B 18 22.92 1.06 5.48
C GLU B 18 21.54 0.59 5.03
N TRP B 19 20.62 1.54 4.86
CA TRP B 19 19.25 1.23 4.46
C TRP B 19 19.24 0.54 3.11
N SER B 20 19.98 1.11 2.15
CA SER B 20 20.09 0.52 0.81
CA SER B 20 20.06 0.51 0.82
C SER B 20 20.62 -0.91 0.88
N ALA B 21 21.65 -1.14 1.69
CA ALA B 21 22.24 -2.48 1.78
C ALA B 21 21.21 -3.49 2.31
N ILE B 22 20.45 -3.10 3.34
CA ILE B 22 19.42 -3.98 3.89
C ILE B 22 18.37 -4.28 2.82
N LEU B 23 17.92 -3.26 2.13
CA LEU B 23 16.89 -3.47 1.11
C LEU B 23 17.35 -4.45 0.05
N GLN B 24 18.56 -4.27 -0.41
CA GLN B 24 19.09 -5.12 -1.43
C GLN B 24 19.15 -6.56 -0.99
N LYS B 25 19.53 -6.79 0.25
CA LYS B 25 19.61 -8.11 0.78
C LYS B 25 18.23 -8.70 0.92
N MET B 26 17.29 -7.91 1.37
CA MET B 26 15.93 -8.44 1.47
C MET B 26 15.41 -8.85 0.11
N ALA B 27 15.70 -8.06 -0.93
CA ALA B 27 15.24 -8.40 -2.27
C ALA B 27 15.89 -9.69 -2.75
N SER B 28 17.19 -9.85 -2.50
CA SER B 28 17.88 -11.07 -2.87
C SER B 28 17.31 -12.29 -2.15
N ASP B 29 16.94 -12.13 -0.88
CA ASP B 29 16.36 -13.24 -0.14
C ASP B 29 15.02 -13.65 -0.69
N LEU B 30 14.32 -12.74 -1.36
CA LEU B 30 13.06 -13.11 -2.00
C LEU B 30 13.28 -13.61 -3.42
N GLY B 31 14.53 -13.69 -3.87
CA GLY B 31 14.86 -14.29 -5.14
C GLY B 31 15.14 -13.32 -6.26
N PHE B 32 15.23 -12.01 -5.99
CA PHE B 32 15.42 -10.99 -7.01
C PHE B 32 16.89 -10.59 -7.10
N SER B 33 17.43 -10.58 -8.31
CA SER B 33 18.85 -10.29 -8.46
C SER B 33 19.14 -8.81 -8.67
N LYS B 34 18.23 -8.07 -9.32
CA LYS B 34 18.42 -6.66 -9.58
C LYS B 34 17.23 -5.88 -9.04
N ILE B 35 17.49 -4.77 -8.36
CA ILE B 35 16.41 -3.92 -7.90
C ILE B 35 16.74 -2.47 -8.16
N LEU B 36 15.69 -1.67 -8.26
CA LEU B 36 15.80 -0.23 -8.33
C LEU B 36 14.67 0.36 -7.51
N PHE B 37 15.02 1.13 -6.49
CA PHE B 37 14.05 1.87 -5.68
C PHE B 37 14.23 3.34 -6.00
N GLY B 38 13.16 4.00 -6.38
CA GLY B 38 13.21 5.42 -6.67
C GLY B 38 12.06 6.14 -6.01
N LEU B 39 12.35 7.29 -5.42
CA LEU B 39 11.34 8.06 -4.71
C LEU B 39 11.56 9.54 -4.98
N LEU B 40 10.56 10.19 -5.56
CA LEU B 40 10.46 11.61 -5.84
C LEU B 40 9.67 12.33 -4.76
N PRO B 41 10.11 13.50 -4.32
CA PRO B 41 9.33 14.30 -3.38
C PRO B 41 8.04 14.82 -4.01
N LYS B 42 7.13 15.26 -3.14
CA LYS B 42 5.85 15.80 -3.55
C LYS B 42 5.97 16.86 -4.64
N ASN B 49 15.79 14.46 -9.61
CA ASN B 49 16.51 14.59 -8.35
C ASN B 49 15.83 13.80 -7.22
N ALA B 50 15.71 12.49 -7.42
CA ALA B 50 15.00 11.63 -6.49
C ALA B 50 15.99 10.88 -5.60
N PHE B 51 15.45 10.08 -4.70
CA PHE B 51 16.22 9.17 -3.87
C PHE B 51 16.27 7.83 -4.60
N ILE B 52 17.48 7.39 -5.00
CA ILE B 52 17.66 6.19 -5.82
C ILE B 52 18.60 5.24 -5.12
N VAL B 53 18.20 3.97 -5.02
CA VAL B 53 19.07 2.93 -4.50
C VAL B 53 18.81 1.68 -5.33
N GLY B 54 19.80 0.82 -5.37
CA GLY B 54 19.64 -0.46 -6.02
C GLY B 54 20.95 -0.86 -6.64
N ASN B 55 20.86 -1.89 -7.50
CA ASN B 55 22.02 -2.39 -8.22
C ASN B 55 21.71 -2.59 -9.70
N TYR B 56 20.74 -1.86 -10.23
CA TYR B 56 20.55 -1.85 -11.68
C TYR B 56 21.87 -1.57 -12.37
N PRO B 57 22.13 -2.19 -13.51
CA PRO B 57 23.36 -1.87 -14.26
C PRO B 57 23.46 -0.37 -14.47
N ALA B 58 24.62 0.21 -14.13
CA ALA B 58 24.80 1.66 -14.26
C ALA B 58 24.61 2.13 -15.70
N ALA B 59 25.03 1.33 -16.69
CA ALA B 59 24.93 1.77 -18.07
C ALA B 59 23.48 1.83 -18.54
N TRP B 60 22.62 0.96 -17.99
CA TRP B 60 21.19 1.01 -18.33
C TRP B 60 20.55 2.27 -17.79
N ARG B 61 20.86 2.60 -16.54
CA ARG B 61 20.31 3.81 -15.92
C ARG B 61 20.68 5.05 -16.72
N GLU B 62 21.94 5.12 -17.19
CA GLU B 62 22.37 6.26 -18.00
C GLU B 62 21.65 6.30 -19.33
N HIS B 63 21.59 5.16 -20.02
CA HIS B 63 20.86 5.07 -21.27
C HIS B 63 19.40 5.48 -21.09
N TYR B 64 18.77 4.99 -20.03
CA TYR B 64 17.37 5.28 -19.78
C TYR B 64 17.10 6.78 -19.69
N ASP B 65 17.95 7.51 -18.95
CA ASP B 65 17.79 8.95 -18.84
C ASP B 65 18.06 9.64 -20.18
N ARG B 66 19.17 9.29 -20.81
CA ARG B 66 19.58 9.94 -22.05
C ARG B 66 18.53 9.73 -23.15
N ALA B 67 17.97 8.53 -23.23
CA ALA B 67 16.94 8.22 -24.20
C ALA B 67 15.57 8.77 -23.80
N GLY B 68 15.46 9.41 -22.65
CA GLY B 68 14.16 9.87 -22.19
C GLY B 68 13.14 8.75 -22.08
N TYR B 69 13.55 7.60 -21.56
CA TYR B 69 12.65 6.45 -21.58
C TYR B 69 11.51 6.58 -20.57
N ALA B 70 11.65 7.48 -19.60
CA ALA B 70 10.57 7.73 -18.64
C ALA B 70 9.27 8.09 -19.35
N ARG B 71 9.35 8.68 -20.54
CA ARG B 71 8.16 9.02 -21.30
C ARG B 71 7.71 7.91 -22.23
N VAL B 72 8.43 6.79 -22.25
CA VAL B 72 8.09 5.64 -23.08
C VAL B 72 7.71 4.43 -22.23
N ASP B 73 8.40 4.24 -21.11
CA ASP B 73 8.28 3.05 -20.30
C ASP B 73 6.84 2.90 -19.80
N PRO B 74 6.13 1.82 -20.17
CA PRO B 74 4.76 1.66 -19.68
C PRO B 74 4.70 1.50 -18.18
N VAL B 75 5.80 1.10 -17.54
CA VAL B 75 5.80 0.95 -16.09
C VAL B 75 5.61 2.31 -15.43
N VAL B 76 6.23 3.34 -16.00
CA VAL B 76 6.17 4.68 -15.43
C VAL B 76 4.75 5.21 -15.50
N SER B 77 4.09 5.10 -16.65
CA SER B 77 2.72 5.58 -16.77
C SER B 77 1.77 4.77 -15.89
N HIS B 78 1.99 3.46 -15.76
CA HIS B 78 1.18 2.66 -14.84
C HIS B 78 1.31 3.17 -13.41
N CYS B 79 2.54 3.48 -12.98
CA CYS B 79 2.75 3.91 -11.59
C CYS B 79 2.04 5.23 -11.29
N THR B 80 1.91 6.10 -12.29
CA THR B 80 1.23 7.37 -12.04
C THR B 80 -0.28 7.20 -11.89
N GLN B 81 -0.83 6.04 -12.27
CA GLN B 81 -2.27 5.81 -12.20
C GLN B 81 -2.71 4.71 -11.24
N SER B 82 -1.80 3.96 -10.69
CA SER B 82 -2.15 2.82 -9.90
C SER B 82 -1.26 2.53 -8.72
N VAL B 83 -1.81 1.77 -7.78
CA VAL B 83 -1.09 1.32 -6.61
C VAL B 83 -0.81 -0.17 -6.74
N LEU B 84 -1.30 -0.81 -7.78
CA LEU B 84 -1.13 -2.22 -7.98
C LEU B 84 0.13 -2.52 -8.78
N PRO B 85 0.72 -3.70 -8.57
CA PRO B 85 1.96 -3.99 -9.30
C PRO B 85 1.73 -4.24 -10.75
N ILE B 86 2.75 -4.02 -11.54
CA ILE B 86 2.70 -4.32 -12.96
C ILE B 86 3.88 -5.23 -13.26
N PHE B 87 3.58 -6.39 -13.82
CA PHE B 87 4.60 -7.33 -14.27
C PHE B 87 5.07 -6.95 -15.65
N TRP B 88 6.37 -7.12 -15.90
CA TRP B 88 6.98 -6.75 -17.18
C TRP B 88 6.62 -7.80 -18.22
N GLU B 89 5.48 -7.63 -18.81
CA GLU B 89 5.07 -8.61 -19.78
C GLU B 89 5.03 -8.01 -21.17
N PRO B 90 5.21 -8.84 -22.21
CA PRO B 90 5.15 -8.31 -23.58
C PRO B 90 3.91 -7.47 -23.83
N SER B 91 2.76 -7.88 -23.27
CA SER B 91 1.49 -7.21 -23.53
C SER B 91 1.45 -5.77 -23.05
N ILE B 92 2.40 -5.32 -22.21
CA ILE B 92 2.40 -3.92 -21.78
C ILE B 92 3.26 -3.04 -22.67
N PHE B 93 4.11 -3.62 -23.50
CA PHE B 93 4.95 -2.86 -24.44
C PHE B 93 4.26 -2.90 -25.79
N GLN B 94 3.61 -1.80 -26.16
CA GLN B 94 2.71 -1.77 -27.31
C GLN B 94 3.25 -0.96 -28.47
N THR B 95 3.48 0.30 -28.27
CA THR B 95 3.99 1.08 -29.33
C THR B 95 5.26 0.45 -29.83
N ARG B 96 5.75 1.01 -30.92
CA ARG B 96 6.96 0.54 -31.52
C ARG B 96 8.09 0.94 -30.61
N LYS B 97 8.16 2.20 -30.24
CA LYS B 97 9.16 2.67 -29.29
C LYS B 97 9.22 1.76 -28.07
N GLN B 98 8.06 1.24 -27.64
CA GLN B 98 8.00 0.42 -26.44
C GLN B 98 8.60 -0.96 -26.65
N HIS B 99 8.51 -1.49 -27.88
CA HIS B 99 9.21 -2.75 -28.18
C HIS B 99 10.71 -2.55 -28.22
N GLU B 100 11.18 -1.53 -28.95
CA GLU B 100 12.61 -1.21 -28.90
C GLU B 100 13.07 -1.06 -27.47
N PHE B 101 12.27 -0.37 -26.65
CA PHE B 101 12.62 -0.16 -25.25
C PHE B 101 12.87 -1.47 -24.54
N PHE B 102 11.91 -2.41 -24.65
CA PHE B 102 12.05 -3.68 -23.96
C PHE B 102 13.20 -4.49 -24.56
N GLU B 103 13.48 -4.34 -25.86
CA GLU B 103 14.64 -5.00 -26.45
C GLU B 103 15.93 -4.52 -25.83
N GLU B 104 16.07 -3.21 -25.61
CA GLU B 104 17.29 -2.73 -24.99
C GLU B 104 17.39 -3.15 -23.54
N ALA B 105 16.27 -3.08 -22.80
CA ALA B 105 16.27 -3.57 -21.43
C ALA B 105 16.80 -4.99 -21.35
N SER B 106 16.43 -5.83 -22.31
CA SER B 106 16.93 -7.20 -22.36
C SER B 106 18.45 -7.23 -22.46
N ALA B 107 19.03 -6.31 -23.24
CA ALA B 107 20.48 -6.28 -23.38
C ALA B 107 21.17 -6.03 -22.05
N ALA B 108 20.49 -5.31 -21.16
CA ALA B 108 20.96 -5.03 -19.81
C ALA B 108 20.54 -6.11 -18.82
N GLY B 109 19.87 -7.17 -19.28
CA GLY B 109 19.48 -8.26 -18.41
C GLY B 109 18.17 -8.07 -17.67
N LEU B 110 17.37 -7.08 -18.05
CA LEU B 110 16.09 -6.83 -17.39
C LEU B 110 14.98 -7.45 -18.22
N VAL B 111 14.81 -8.76 -18.08
CA VAL B 111 13.89 -9.51 -18.92
C VAL B 111 12.60 -9.85 -18.18
N TYR B 112 12.71 -10.34 -16.96
CA TYR B 112 11.57 -10.73 -16.16
C TYR B 112 11.56 -9.91 -14.88
N GLY B 113 10.39 -9.47 -14.45
CA GLY B 113 10.32 -8.73 -13.21
C GLY B 113 8.98 -8.05 -13.06
N LEU B 114 8.93 -7.16 -12.06
CA LEU B 114 7.73 -6.41 -11.76
C LEU B 114 8.10 -5.11 -11.07
N THR B 115 7.16 -4.18 -11.06
CA THR B 115 7.34 -2.89 -10.40
C THR B 115 6.16 -2.65 -9.48
N MET B 116 6.45 -2.29 -8.24
CA MET B 116 5.43 -1.87 -7.29
C MET B 116 5.38 -0.36 -7.27
N PRO B 117 4.27 0.27 -7.63
CA PRO B 117 4.19 1.74 -7.52
C PRO B 117 4.29 2.15 -6.06
N LEU B 118 4.89 3.32 -5.83
CA LEU B 118 5.01 3.89 -4.49
C LEU B 118 4.26 5.22 -4.44
N HIS B 119 3.28 5.33 -3.54
CA HIS B 119 2.54 6.57 -3.32
C HIS B 119 2.53 6.88 -1.83
N GLY B 120 3.36 7.84 -1.43
CA GLY B 120 3.58 8.15 -0.03
C GLY B 120 2.47 9.00 0.57
N ALA B 121 2.41 8.96 1.90
CA ALA B 121 1.40 9.73 2.62
C ALA B 121 1.57 11.23 2.40
N ARG B 122 2.80 11.70 2.18
CA ARG B 122 3.06 13.10 1.93
C ARG B 122 3.17 13.41 0.43
N GLY B 123 2.63 12.54 -0.43
CA GLY B 123 2.63 12.75 -1.86
C GLY B 123 3.87 12.29 -2.60
N GLU B 124 4.83 11.68 -1.91
CA GLU B 124 5.99 11.10 -2.57
C GLU B 124 5.52 10.18 -3.70
N LEU B 125 6.27 10.16 -4.81
CA LEU B 125 5.94 9.26 -5.91
C LEU B 125 7.17 8.44 -6.25
N GLY B 126 6.97 7.14 -6.46
CA GLY B 126 8.13 6.33 -6.74
C GLY B 126 7.77 4.96 -7.25
N TRP B 127 8.79 4.10 -7.24
CA TRP B 127 8.66 2.76 -7.77
C TRP B 127 9.66 1.88 -7.04
N LEU B 128 9.29 0.62 -6.86
CA LEU B 128 10.22 -0.41 -6.42
C LEU B 128 10.19 -1.46 -7.50
N SER B 129 11.25 -1.51 -8.32
CA SER B 129 11.35 -2.45 -9.42
C SER B 129 12.27 -3.60 -9.06
N LEU B 130 11.86 -4.82 -9.40
CA LEU B 130 12.63 -6.02 -9.04
C LEU B 130 12.71 -6.94 -10.25
N SER B 131 13.92 -7.37 -10.59
CA SER B 131 14.13 -8.27 -11.71
C SER B 131 14.47 -9.66 -11.19
N VAL B 132 13.95 -10.69 -11.86
CA VAL B 132 14.23 -12.06 -11.48
C VAL B 132 14.84 -12.79 -12.67
N GLU B 133 15.74 -13.72 -12.38
CA GLU B 133 16.36 -14.56 -13.38
C GLU B 133 15.57 -15.86 -13.46
N ALA B 134 15.22 -16.27 -14.68
CA ALA B 134 14.41 -17.46 -14.88
C ALA B 134 14.68 -18.00 -16.27
N GLU B 135 14.19 -19.21 -16.52
CA GLU B 135 14.36 -19.86 -17.82
C GLU B 135 13.30 -19.42 -18.82
N ASN B 136 12.16 -18.92 -18.36
CA ASN B 136 11.04 -18.56 -19.21
C ASN B 136 10.09 -17.73 -18.35
N ARG B 137 9.11 -17.09 -19.01
CA ARG B 137 8.23 -16.18 -18.28
C ARG B 137 7.32 -16.93 -17.32
N ALA B 138 6.87 -18.13 -17.69
CA ALA B 138 6.03 -18.91 -16.79
C ALA B 138 6.73 -19.17 -15.46
N GLU B 139 7.99 -19.58 -15.54
CA GLU B 139 8.78 -19.82 -14.34
C GLU B 139 9.00 -18.53 -13.57
N ALA B 140 9.38 -17.46 -14.27
CA ALA B 140 9.54 -16.16 -13.59
C ALA B 140 8.27 -15.77 -12.85
N ASN B 141 7.11 -15.96 -13.48
CA ASN B 141 5.85 -15.60 -12.84
C ASN B 141 5.62 -16.43 -11.58
N ARG B 142 5.95 -17.72 -11.61
CA ARG B 142 5.84 -18.55 -10.40
C ARG B 142 6.72 -18.01 -9.28
N PHE B 143 7.98 -17.71 -9.60
CA PHE B 143 8.91 -17.14 -8.63
C PHE B 143 8.33 -15.87 -8.03
N MET B 144 7.79 -14.99 -8.87
CA MET B 144 7.35 -13.70 -8.33
C MET B 144 6.06 -13.85 -7.54
N GLU B 145 5.12 -14.64 -8.04
CA GLU B 145 3.85 -14.79 -7.35
C GLU B 145 4.04 -15.45 -5.99
N SER B 146 5.02 -16.34 -5.87
CA SER B 146 5.25 -17.09 -4.64
C SER B 146 5.71 -16.21 -3.48
N VAL B 147 6.23 -15.03 -3.77
CA VAL B 147 6.69 -14.09 -2.74
C VAL B 147 5.92 -12.79 -2.77
N LEU B 148 4.90 -12.68 -3.60
CA LEU B 148 4.22 -11.40 -3.76
C LEU B 148 3.57 -10.89 -2.48
N PRO B 149 2.95 -11.72 -1.63
CA PRO B 149 2.44 -11.16 -0.36
C PRO B 149 3.53 -10.51 0.47
N THR B 150 4.73 -11.10 0.50
CA THR B 150 5.81 -10.51 1.27
C THR B 150 6.30 -9.23 0.61
N LEU B 151 6.41 -9.24 -0.72
CA LEU B 151 6.79 -8.04 -1.46
C LEU B 151 5.79 -6.92 -1.23
N TRP B 152 4.50 -7.27 -1.10
CA TRP B 152 3.48 -6.23 -0.95
C TRP B 152 3.67 -5.49 0.36
N MET B 153 4.03 -6.21 1.42
CA MET B 153 4.36 -5.52 2.68
C MET B 153 5.67 -4.76 2.54
N LEU B 154 6.67 -5.38 1.90
CA LEU B 154 8.00 -4.77 1.80
C LEU B 154 7.92 -3.40 1.14
N LYS B 155 7.12 -3.29 0.09
CA LYS B 155 7.12 -2.04 -0.66
C LYS B 155 6.56 -0.90 0.19
N ASP B 156 5.60 -1.19 1.08
CA ASP B 156 5.11 -0.13 1.95
C ASP B 156 6.10 0.17 3.08
N TYR B 157 6.74 -0.84 3.64
CA TYR B 157 7.80 -0.59 4.61
C TYR B 157 8.94 0.21 4.01
N ALA B 158 9.30 -0.10 2.76
CA ALA B 158 10.39 0.62 2.12
C ALA B 158 9.98 2.06 1.80
N LEU B 159 8.74 2.24 1.34
CA LEU B 159 8.20 3.57 1.10
C LEU B 159 8.26 4.42 2.38
N GLN B 160 7.66 3.92 3.47
CA GLN B 160 7.60 4.72 4.69
C GLN B 160 9.00 5.06 5.20
N SER B 161 9.88 4.07 5.30
CA SER B 161 11.18 4.33 5.91
C SER B 161 12.08 5.11 4.97
N GLY B 162 12.01 4.82 3.66
CA GLY B 162 12.82 5.55 2.70
C GLY B 162 12.41 7.01 2.59
N ALA B 163 11.10 7.27 2.59
CA ALA B 163 10.65 8.67 2.54
C ALA B 163 11.15 9.45 3.74
N GLY B 164 11.19 8.81 4.88
CA GLY B 164 11.65 9.45 6.06
C GLY B 164 13.13 9.70 6.01
N LEU B 165 13.86 8.86 5.32
CA LEU B 165 15.29 9.03 5.26
C LEU B 165 15.74 10.03 4.22
N ALA B 166 15.05 10.07 3.10
CA ALA B 166 15.47 10.93 2.06
C ALA B 166 14.90 12.33 2.06
N PHE B 167 13.89 12.52 2.84
CA PHE B 167 13.22 13.81 2.78
C PHE B 167 13.01 14.42 4.17
N ALA C 1 4.36 -6.85 15.66
CA ALA C 1 5.39 -5.89 15.29
C ALA C 1 4.93 -5.00 14.13
N HIS C 2 3.79 -5.35 13.53
CA HIS C 2 3.28 -4.54 12.43
C HIS C 2 2.51 -3.31 12.90
N HIS C 3 2.24 -3.17 14.19
CA HIS C 3 1.56 -1.98 14.68
C HIS C 3 2.45 -0.74 14.60
N HIS C 4 1.92 0.35 14.01
CA HIS C 4 2.62 1.62 13.94
C HIS C 4 1.72 2.75 14.43
N HIS C 5 2.36 3.80 14.93
CA HIS C 5 1.62 4.98 15.41
C HIS C 5 2.51 6.19 15.12
N ALA C 6 2.26 6.86 14.01
CA ALA C 6 3.05 8.03 13.59
C ALA C 6 2.64 9.28 14.36
#